data_3S26
#
_entry.id   3S26
#
_cell.length_a   42.890
_cell.length_b   43.960
_cell.length_c   101.920
_cell.angle_alpha   90.00
_cell.angle_beta   90.00
_cell.angle_gamma   90.00
#
_symmetry.space_group_name_H-M   'P 21 21 21'
#
loop_
_entity.id
_entity.type
_entity.pdbx_description
1 polymer 'Neutrophil gelatinase-associated lipocalin'
2 branched alpha-D-mannopyranose-(1-3)-beta-D-mannopyranose-(1-4)-2-acetamido-2-deoxy-beta-D-glucopyranose-(1-4)-2-acetamido-2-deoxy-beta-D-glucopyranose
3 water water
#
_entity_poly.entity_id   1
_entity_poly.type   'polypeptide(L)'
_entity_poly.pdbx_seq_one_letter_code
;QDSTQNLIPAPSLLTVPLQPDFRSDQFRGRWYVVGLAGNAVQKKTEGSFTMYSTIYELQENNSYNVTSILVRDQDQGCRY
WIRTFVPSSRAGQFTLGNMHRYPQVQSYNVQVATTDYNQFAMVFFRKTSENKQYFKITLYGRTKELSPELKERFTRFAKS
LGLKDDNIIFSVPTDQCIDNSAWSHPQFEK
;
_entity_poly.pdbx_strand_id   A
#
# COMPACT_ATOMS: atom_id res chain seq x y z
N ASN A 6 -2.15 -17.81 -15.39
CA ASN A 6 -0.87 -17.17 -14.97
C ASN A 6 -0.96 -16.52 -13.56
N LEU A 7 -1.73 -15.46 -13.38
CA LEU A 7 -1.70 -14.73 -12.11
C LEU A 7 -2.55 -15.39 -11.02
N ILE A 8 -2.09 -15.30 -9.78
CA ILE A 8 -2.89 -15.64 -8.62
C ILE A 8 -4.16 -14.77 -8.65
N PRO A 9 -5.35 -15.38 -8.50
CA PRO A 9 -6.57 -14.57 -8.59
C PRO A 9 -6.66 -13.51 -7.52
N ALA A 10 -7.07 -12.31 -7.91
CA ALA A 10 -7.25 -11.22 -6.96
C ALA A 10 -8.45 -11.47 -6.06
N PRO A 11 -8.26 -11.24 -4.75
CA PRO A 11 -9.42 -11.41 -3.86
C PRO A 11 -10.46 -10.32 -4.09
N SER A 12 -11.72 -10.68 -3.85
CA SER A 12 -12.79 -9.69 -3.77
C SER A 12 -12.56 -8.66 -2.64
N LEU A 13 -12.92 -7.39 -2.88
CA LEU A 13 -12.81 -6.34 -1.86
C LEU A 13 -13.68 -6.63 -0.63
N LEU A 14 -14.77 -7.36 -0.83
CA LEU A 14 -15.65 -7.82 0.25
C LEU A 14 -15.04 -8.94 1.13
N THR A 15 -13.98 -9.59 0.66
CA THR A 15 -13.31 -10.61 1.48
C THR A 15 -12.06 -10.03 2.15
N VAL A 16 -11.55 -8.92 1.61
CA VAL A 16 -10.46 -8.19 2.26
C VAL A 16 -11.01 -7.36 3.44
N PRO A 17 -10.33 -7.43 4.60
CA PRO A 17 -10.82 -6.61 5.72
C PRO A 17 -10.75 -5.11 5.42
N LEU A 18 -11.60 -4.36 6.12
CA LEU A 18 -11.58 -2.92 6.12
C LEU A 18 -11.45 -2.48 7.58
N GLN A 19 -10.49 -1.61 7.83
CA GLN A 19 -10.35 -1.00 9.14
C GLN A 19 -11.68 -0.42 9.59
N PRO A 20 -12.22 -0.89 10.75
CA PRO A 20 -13.48 -0.33 11.17
C PRO A 20 -13.31 1.13 11.64
N ASP A 21 -14.30 1.96 11.33
CA ASP A 21 -14.34 3.36 11.74
C ASP A 21 -13.03 4.06 11.39
N PHE A 22 -12.62 3.93 10.14
CA PHE A 22 -11.38 4.53 9.66
C PHE A 22 -11.34 6.03 9.90
N ARG A 23 -10.19 6.50 10.40
CA ARG A 23 -9.97 7.87 10.81
C ARG A 23 -8.94 8.49 9.86
N SER A 24 -9.44 9.24 8.87
CA SER A 24 -8.56 9.78 7.81
C SER A 24 -7.54 10.78 8.35
N ASP A 25 -7.87 11.43 9.46
CA ASP A 25 -6.97 12.39 10.08
C ASP A 25 -5.80 11.69 10.76
N GLN A 26 -6.07 10.55 11.38
CA GLN A 26 -5.04 9.80 12.11
C GLN A 26 -4.14 9.00 11.17
N PHE A 27 -4.63 8.70 9.97
CA PHE A 27 -3.85 7.91 9.03
C PHE A 27 -2.84 8.77 8.25
N ARG A 28 -3.00 10.07 8.34
CA ARG A 28 -2.24 10.98 7.49
C ARG A 28 -0.76 10.97 7.89
N GLY A 29 0.06 11.52 7.02
CA GLY A 29 1.49 11.68 7.30
C GLY A 29 2.32 10.61 6.69
N ARG A 30 3.51 10.41 7.27
CA ARG A 30 4.50 9.55 6.64
C ARG A 30 4.45 8.10 7.12
N TRP A 31 4.55 7.21 6.15
CA TRP A 31 4.60 5.76 6.39
C TRP A 31 5.78 5.18 5.59
N TYR A 32 6.49 4.21 6.21
CA TYR A 32 7.61 3.51 5.60
C TYR A 32 7.17 2.14 5.13
N VAL A 33 7.48 1.78 3.91
CA VAL A 33 7.16 0.44 3.41
C VAL A 33 8.17 -0.61 3.89
N VAL A 34 7.74 -1.35 4.91
CA VAL A 34 8.55 -2.33 5.63
C VAL A 34 8.49 -3.68 4.89
N GLY A 35 7.33 -3.97 4.29
CA GLY A 35 7.15 -5.15 3.43
C GLY A 35 6.08 -4.93 2.38
N LEU A 36 6.06 -5.82 1.40
CA LEU A 36 5.21 -5.77 0.24
C LEU A 36 4.90 -7.22 -0.14
N ALA A 37 3.66 -7.53 -0.52
CA ALA A 37 3.34 -8.84 -1.10
C ALA A 37 2.29 -8.67 -2.17
N GLY A 38 2.45 -9.37 -3.28
CA GLY A 38 1.45 -9.31 -4.28
C GLY A 38 1.63 -10.31 -5.40
N ASN A 39 0.60 -10.39 -6.23
CA ASN A 39 0.58 -11.42 -7.27
C ASN A 39 1.51 -11.09 -8.45
N ALA A 40 2.03 -9.86 -8.51
CA ALA A 40 3.05 -9.50 -9.51
C ALA A 40 4.41 -9.30 -8.85
N VAL A 41 4.48 -9.65 -7.57
CA VAL A 41 5.75 -9.71 -6.85
C VAL A 41 6.37 -11.10 -7.02
N GLN A 42 7.52 -11.14 -7.68
CA GLN A 42 8.23 -12.39 -7.91
C GLN A 42 9.62 -12.15 -7.35
N LYS A 43 9.84 -12.68 -6.15
CA LYS A 43 11.09 -12.48 -5.46
C LYS A 43 12.23 -13.20 -6.21
N LYS A 44 13.18 -12.41 -6.71
CA LYS A 44 14.39 -12.96 -7.33
C LYS A 44 15.32 -13.55 -6.25
N SER A 48 16.91 -7.86 -2.34
CA SER A 48 15.56 -7.57 -1.90
C SER A 48 15.07 -6.27 -2.53
N PHE A 49 14.30 -5.46 -1.80
CA PHE A 49 14.03 -4.11 -2.33
C PHE A 49 14.34 -3.06 -1.30
N THR A 50 14.80 -1.91 -1.78
CA THR A 50 15.13 -0.79 -0.90
C THR A 50 13.86 -0.16 -0.39
N MET A 51 13.77 0.05 0.94
CA MET A 51 12.64 0.68 1.56
C MET A 51 12.35 2.02 0.84
N TYR A 52 11.08 2.28 0.59
CA TYR A 52 10.56 3.60 0.21
C TYR A 52 9.52 4.10 1.24
N SER A 53 9.24 5.41 1.21
CA SER A 53 8.25 6.00 2.08
C SER A 53 7.12 6.59 1.27
N THR A 54 5.95 6.68 1.91
CA THR A 54 4.72 7.23 1.29
C THR A 54 4.04 8.18 2.23
N ILE A 55 3.82 9.41 1.75
CA ILE A 55 3.23 10.46 2.57
C ILE A 55 1.81 10.72 2.10
N TYR A 56 0.89 10.55 3.05
CA TYR A 56 -0.54 10.74 2.82
C TYR A 56 -0.94 12.13 3.36
N GLU A 57 -1.09 13.10 2.47
CA GLU A 57 -1.41 14.47 2.90
C GLU A 57 -2.87 14.66 2.71
N LEU A 58 -3.60 14.83 3.81
CA LEU A 58 -5.06 14.92 3.76
C LEU A 58 -5.51 16.29 3.31
N GLN A 59 -6.36 16.30 2.28
CA GLN A 59 -6.88 17.56 1.72
C GLN A 59 -8.21 17.96 2.37
N GLU A 60 -8.60 19.21 2.12
CA GLU A 60 -9.81 19.75 2.71
C GLU A 60 -11.04 18.92 2.28
N ASN A 61 -11.08 18.48 1.01
CA ASN A 61 -12.16 17.60 0.50
C ASN A 61 -12.05 16.10 0.86
N ASN A 62 -11.10 15.77 1.73
CA ASN A 62 -10.92 14.43 2.29
C ASN A 62 -10.26 13.42 1.31
N SER A 63 -9.88 13.88 0.12
CA SER A 63 -8.92 13.16 -0.73
C SER A 63 -7.55 13.17 -0.07
N TYR A 64 -6.67 12.24 -0.47
CA TYR A 64 -5.26 12.34 -0.12
C TYR A 64 -4.38 12.70 -1.35
N ASN A 65 -3.45 13.63 -1.15
CA ASN A 65 -2.24 13.71 -1.98
C ASN A 65 -1.28 12.64 -1.47
N VAL A 66 -0.89 11.69 -2.31
CA VAL A 66 -0.09 10.57 -1.90
C VAL A 66 1.27 10.67 -2.62
N THR A 67 2.32 10.88 -1.85
CA THR A 67 3.66 11.12 -2.43
C THR A 67 4.61 10.03 -1.94
N SER A 68 5.09 9.20 -2.86
CA SER A 68 6.06 8.17 -2.49
C SER A 68 7.46 8.72 -2.83
N ILE A 69 8.43 8.39 -1.96
CA ILE A 69 9.84 8.81 -2.12
C ILE A 69 10.69 7.57 -2.19
N LEU A 70 11.36 7.40 -3.31
CA LEU A 70 12.19 6.24 -3.56
C LEU A 70 13.67 6.63 -3.87
N VAL A 71 14.59 5.72 -3.56
CA VAL A 71 15.98 5.85 -3.94
C VAL A 71 16.05 5.29 -5.36
N ARG A 72 16.70 6.00 -6.26
CA ARG A 72 16.89 5.50 -7.63
C ARG A 72 17.84 4.28 -7.66
N GLY A 77 20.16 9.16 -6.80
CA GLY A 77 19.33 10.21 -6.27
C GLY A 77 17.93 9.70 -5.89
N CYS A 78 17.00 10.65 -5.77
CA CYS A 78 15.66 10.36 -5.28
C CYS A 78 14.64 10.53 -6.40
N ARG A 79 13.62 9.69 -6.34
CA ARG A 79 12.43 9.77 -7.19
C ARG A 79 11.18 10.03 -6.33
N TYR A 80 10.33 10.94 -6.79
CA TYR A 80 9.05 11.18 -6.16
C TYR A 80 7.93 10.72 -7.09
N TRP A 81 6.93 10.04 -6.56
CA TRP A 81 5.75 9.59 -7.34
C TRP A 81 4.49 10.09 -6.64
N ILE A 82 3.70 10.94 -7.31
CA ILE A 82 2.63 11.69 -6.69
C ILE A 82 1.32 11.30 -7.33
N ARG A 83 0.36 10.86 -6.54
CA ARG A 83 -0.95 10.60 -7.08
C ARG A 83 -2.00 10.97 -6.04
N THR A 84 -3.28 10.87 -6.39
CA THR A 84 -4.34 11.27 -5.49
C THR A 84 -5.24 10.08 -5.24
N PHE A 85 -5.61 9.90 -3.99
CA PHE A 85 -6.58 8.88 -3.58
C PHE A 85 -7.89 9.57 -3.20
N VAL A 86 -8.92 9.20 -3.93
CA VAL A 86 -10.28 9.74 -3.77
C VAL A 86 -11.15 8.77 -2.96
N PRO A 87 -11.76 9.28 -1.86
CA PRO A 87 -12.60 8.42 -1.03
C PRO A 87 -13.68 7.69 -1.83
N SER A 88 -13.92 6.42 -1.47
CA SER A 88 -14.91 5.58 -2.12
C SER A 88 -16.08 5.43 -1.14
N SER A 89 -16.87 4.38 -1.32
CA SER A 89 -18.15 4.29 -0.65
C SER A 89 -17.97 4.13 0.86
N ARG A 90 -16.98 3.37 1.30
CA ARG A 90 -16.76 3.15 2.75
C ARG A 90 -15.52 3.89 3.22
N ALA A 91 -15.53 4.38 4.46
CA ALA A 91 -14.33 4.99 5.08
C ALA A 91 -13.13 4.02 5.04
N GLY A 92 -12.02 4.45 4.40
CA GLY A 92 -10.81 3.61 4.27
C GLY A 92 -10.64 2.95 2.91
N GLN A 93 -11.65 3.12 2.06
CA GLN A 93 -11.60 2.73 0.65
C GLN A 93 -11.37 3.96 -0.22
N PHE A 94 -10.60 3.78 -1.31
CA PHE A 94 -10.28 4.87 -2.21
C PHE A 94 -10.20 4.34 -3.63
N THR A 95 -10.37 5.25 -4.58
CA THR A 95 -9.98 5.03 -5.95
C THR A 95 -8.86 6.04 -6.33
N LEU A 96 -8.33 5.84 -7.53
CA LEU A 96 -7.22 6.63 -8.06
C LEU A 96 -7.82 7.82 -8.77
N GLY A 97 -7.42 9.01 -8.34
CA GLY A 97 -7.83 10.22 -8.99
C GLY A 97 -7.15 10.38 -10.35
N ASN A 98 -7.76 11.19 -11.20
CA ASN A 98 -7.18 11.52 -12.53
C ASN A 98 -6.81 10.28 -13.36
N MET A 99 -7.77 9.36 -13.43
CA MET A 99 -7.59 8.05 -14.09
C MET A 99 -7.12 8.10 -15.54
N HIS A 100 -7.56 9.13 -16.25
CA HIS A 100 -7.16 9.41 -17.64
C HIS A 100 -5.63 9.48 -17.83
N ARG A 101 -4.90 9.73 -16.75
CA ARG A 101 -3.44 9.84 -16.84
C ARG A 101 -2.70 8.51 -16.90
N TYR A 102 -3.44 7.40 -16.74
CA TYR A 102 -2.87 6.06 -16.60
C TYR A 102 -3.60 5.21 -17.61
N PRO A 103 -3.24 5.36 -18.89
CA PRO A 103 -4.14 4.82 -19.90
C PRO A 103 -4.18 3.26 -19.87
N GLN A 104 -3.18 2.63 -19.29
CA GLN A 104 -3.22 1.17 -19.06
C GLN A 104 -4.31 0.73 -18.05
N VAL A 105 -4.71 1.62 -17.15
CA VAL A 105 -5.48 1.24 -15.96
C VAL A 105 -7.00 1.32 -16.19
N GLN A 106 -7.69 0.19 -16.05
CA GLN A 106 -9.15 0.16 -16.13
C GLN A 106 -9.83 0.47 -14.79
N SER A 107 -9.22 0.03 -13.72
CA SER A 107 -9.73 0.33 -12.38
C SER A 107 -8.61 0.23 -11.40
N TYR A 108 -8.78 0.88 -10.26
CA TYR A 108 -7.75 0.94 -9.26
C TYR A 108 -8.46 1.20 -7.93
N ASN A 109 -8.24 0.31 -6.97
CA ASN A 109 -8.84 0.41 -5.65
C ASN A 109 -7.83 0.25 -4.53
N VAL A 110 -8.00 1.03 -3.47
CA VAL A 110 -7.14 1.01 -2.29
C VAL A 110 -8.05 0.77 -1.09
N GLN A 111 -7.60 -0.08 -0.19
CA GLN A 111 -8.34 -0.36 1.01
C GLN A 111 -7.40 -0.53 2.18
N VAL A 112 -7.57 0.30 3.22
CA VAL A 112 -6.82 0.13 4.47
C VAL A 112 -7.44 -1.05 5.23
N ALA A 113 -6.70 -2.16 5.30
CA ALA A 113 -7.23 -3.39 5.86
C ALA A 113 -7.22 -3.32 7.39
N THR A 114 -6.10 -2.88 7.95
CA THR A 114 -5.93 -2.81 9.38
C THR A 114 -4.85 -1.77 9.69
N THR A 115 -5.04 -0.99 10.75
CA THR A 115 -4.02 -0.05 11.17
C THR A 115 -4.28 0.35 12.61
N ASP A 116 -3.21 0.66 13.32
CA ASP A 116 -3.33 1.29 14.65
C ASP A 116 -2.85 2.78 14.64
N TYR A 117 -2.68 3.32 13.44
CA TYR A 117 -2.40 4.75 13.16
C TYR A 117 -1.04 5.25 13.62
N ASN A 118 -0.52 4.81 14.76
CA ASN A 118 0.76 5.32 15.28
C ASN A 118 1.91 4.31 15.23
N GLN A 119 1.66 3.15 14.64
CA GLN A 119 2.69 2.10 14.55
C GLN A 119 2.70 1.48 13.16
N PHE A 120 1.61 0.86 12.76
CA PHE A 120 1.57 0.05 11.52
C PHE A 120 0.26 0.21 10.77
N ALA A 121 0.31 -0.14 9.49
CA ALA A 121 -0.89 -0.31 8.69
C ALA A 121 -0.61 -1.44 7.68
N MET A 122 -1.67 -2.14 7.33
CA MET A 122 -1.64 -3.01 6.17
C MET A 122 -2.70 -2.51 5.20
N VAL A 123 -2.23 -2.14 3.98
CA VAL A 123 -3.07 -1.58 2.94
C VAL A 123 -3.09 -2.49 1.67
N PHE A 124 -4.31 -2.72 1.19
CA PHE A 124 -4.57 -3.55 -0.02
C PHE A 124 -4.75 -2.63 -1.22
N PHE A 125 -4.14 -3.01 -2.33
CA PHE A 125 -4.19 -2.29 -3.63
C PHE A 125 -4.59 -3.30 -4.68
N ARG A 126 -5.58 -2.95 -5.52
CA ARG A 126 -5.96 -3.81 -6.62
C ARG A 126 -6.10 -2.94 -7.87
N LYS A 127 -5.67 -3.45 -8.99
CA LYS A 127 -5.86 -2.70 -10.22
C LYS A 127 -6.11 -3.67 -11.33
N THR A 128 -6.94 -3.23 -12.27
CA THR A 128 -7.13 -3.96 -13.51
C THR A 128 -6.42 -3.20 -14.61
N SER A 129 -5.52 -3.89 -15.30
CA SER A 129 -4.99 -3.40 -16.58
C SER A 129 -4.78 -4.54 -17.57
N GLU A 130 -5.09 -4.28 -18.83
CA GLU A 130 -4.91 -5.28 -19.87
C GLU A 130 -5.82 -6.48 -19.60
N ASN A 131 -7.00 -6.22 -19.03
CA ASN A 131 -7.93 -7.26 -18.59
C ASN A 131 -7.33 -8.25 -17.56
N LYS A 132 -6.25 -7.84 -16.88
CA LYS A 132 -5.61 -8.66 -15.85
C LYS A 132 -5.71 -7.96 -14.51
N GLN A 133 -5.96 -8.72 -13.44
CA GLN A 133 -6.12 -8.14 -12.10
C GLN A 133 -4.87 -8.38 -11.24
N TYR A 134 -4.29 -7.28 -10.80
CA TYR A 134 -3.11 -7.30 -9.97
C TYR A 134 -3.55 -6.91 -8.58
N PHE A 135 -2.94 -7.53 -7.57
CA PHE A 135 -3.14 -7.03 -6.21
C PHE A 135 -1.89 -7.09 -5.39
N LYS A 136 -1.84 -6.23 -4.36
CA LYS A 136 -0.70 -6.15 -3.49
C LYS A 136 -1.16 -5.65 -2.13
N ILE A 137 -0.40 -6.08 -1.14
CA ILE A 137 -0.56 -5.55 0.19
C ILE A 137 0.74 -5.00 0.66
N THR A 138 0.65 -3.86 1.37
CA THR A 138 1.84 -3.20 1.88
C THR A 138 1.77 -3.21 3.40
N LEU A 139 2.91 -3.49 4.00
CA LEU A 139 3.11 -3.35 5.43
C LEU A 139 3.82 -2.00 5.63
N TYR A 140 3.09 -1.08 6.23
CA TYR A 140 3.54 0.28 6.56
C TYR A 140 3.92 0.37 8.01
N GLY A 141 5.04 1.05 8.30
CA GLY A 141 5.39 1.44 9.65
C GLY A 141 5.51 2.95 9.79
N ARG A 142 5.23 3.47 10.98
CA ARG A 142 5.59 4.90 11.26
C ARG A 142 7.09 5.05 11.51
N THR A 143 7.77 3.96 11.88
CA THR A 143 9.25 3.90 11.80
C THR A 143 9.71 2.88 10.72
N LYS A 144 11.02 2.76 10.54
CA LYS A 144 11.55 1.85 9.50
C LYS A 144 11.59 0.39 9.95
N GLU A 145 11.40 0.15 11.26
CA GLU A 145 11.40 -1.17 11.84
C GLU A 145 10.04 -1.47 12.47
N LEU A 146 9.61 -2.71 12.29
CA LEU A 146 8.42 -3.19 12.98
C LEU A 146 8.78 -4.48 13.71
N SER A 147 8.01 -4.80 14.73
CA SER A 147 8.23 -6.03 15.56
C SER A 147 8.19 -7.30 14.76
N PRO A 148 8.80 -8.37 15.31
CA PRO A 148 8.73 -9.64 14.59
C PRO A 148 7.28 -10.12 14.47
N GLU A 149 6.50 -9.94 15.54
CA GLU A 149 5.07 -10.31 15.52
C GLU A 149 4.29 -9.62 14.37
N LEU A 150 4.55 -8.33 14.12
CA LEU A 150 3.82 -7.64 13.05
C LEU A 150 4.25 -8.18 11.68
N LYS A 151 5.54 -8.49 11.51
CA LYS A 151 6.01 -9.01 10.22
C LYS A 151 5.45 -10.42 9.96
N GLU A 152 5.32 -11.19 11.04
CA GLU A 152 4.71 -12.51 10.95
C GLU A 152 3.24 -12.42 10.59
N ARG A 153 2.56 -11.46 11.18
CA ARG A 153 1.15 -11.19 10.93
C ARG A 153 0.93 -10.85 9.48
N PHE A 154 1.81 -10.01 8.95
CA PHE A 154 1.72 -9.60 7.56
C PHE A 154 1.86 -10.81 6.63
N THR A 155 2.83 -11.67 6.91
CA THR A 155 3.10 -12.87 6.12
C THR A 155 1.85 -13.76 6.10
N ARG A 156 1.24 -13.96 7.26
CA ARG A 156 0.06 -14.82 7.38
C ARG A 156 -1.15 -14.20 6.65
N PHE A 157 -1.36 -12.90 6.81
CA PHE A 157 -2.38 -12.18 6.02
C PHE A 157 -2.16 -12.35 4.50
N ALA A 158 -0.93 -12.15 4.02
CA ALA A 158 -0.62 -12.37 2.58
C ALA A 158 -0.98 -13.80 2.12
N LYS A 159 -0.62 -14.79 2.92
CA LYS A 159 -0.91 -16.18 2.58
C LYS A 159 -2.41 -16.50 2.61
N SER A 160 -3.15 -15.82 3.49
CA SER A 160 -4.61 -15.96 3.54
C SER A 160 -5.23 -15.44 2.25
N LEU A 161 -4.51 -14.59 1.52
CA LEU A 161 -5.02 -14.00 0.28
C LEU A 161 -4.55 -14.80 -0.94
N GLY A 162 -3.89 -15.93 -0.69
CA GLY A 162 -3.48 -16.83 -1.75
C GLY A 162 -2.06 -16.57 -2.24
N LEU A 163 -1.34 -15.65 -1.57
CA LEU A 163 0.05 -15.37 -1.94
C LEU A 163 1.03 -16.40 -1.36
N LYS A 164 2.16 -16.61 -2.04
CA LYS A 164 3.12 -17.60 -1.64
C LYS A 164 4.39 -16.93 -1.11
N ASP A 165 5.34 -17.75 -0.67
CA ASP A 165 6.62 -17.25 -0.14
C ASP A 165 7.35 -16.34 -1.11
N ASP A 166 7.38 -16.75 -2.39
CA ASP A 166 7.94 -15.98 -3.50
C ASP A 166 7.31 -14.62 -3.74
N ASN A 167 6.11 -14.40 -3.21
CA ASN A 167 5.36 -13.17 -3.46
C ASN A 167 5.51 -12.14 -2.33
N ILE A 168 6.30 -12.46 -1.31
CA ILE A 168 6.36 -11.69 -0.08
C ILE A 168 7.81 -11.26 0.15
N ILE A 169 8.01 -9.94 0.21
CA ILE A 169 9.36 -9.39 0.34
C ILE A 169 9.42 -8.34 1.46
N PHE A 170 10.53 -8.29 2.19
CA PHE A 170 10.74 -7.27 3.18
C PHE A 170 11.86 -6.36 2.71
N SER A 171 11.72 -5.08 3.06
CA SER A 171 12.65 -4.09 2.56
C SER A 171 13.90 -3.85 3.39
N VAL A 172 14.87 -3.29 2.70
CA VAL A 172 16.14 -2.84 3.28
C VAL A 172 16.06 -1.38 3.62
N PRO A 173 16.05 -1.04 4.92
CA PRO A 173 16.05 0.37 5.32
C PRO A 173 17.22 1.20 4.74
N THR A 174 16.94 2.49 4.60
CA THR A 174 17.88 3.48 4.18
C THR A 174 17.58 4.83 4.88
N ASP A 175 18.61 5.68 4.95
CA ASP A 175 18.48 7.09 5.35
C ASP A 175 18.52 8.03 4.14
N GLN A 176 18.76 7.47 2.96
CA GLN A 176 18.78 8.28 1.72
C GLN A 176 17.36 8.42 1.15
N CYS A 177 16.99 9.68 0.87
CA CYS A 177 15.77 10.11 0.18
C CYS A 177 14.53 10.03 1.06
N ILE A 178 14.34 8.87 1.69
CA ILE A 178 13.00 8.46 2.17
C ILE A 178 12.55 9.28 3.42
N ASP A 179 13.51 9.96 4.06
CA ASP A 179 13.20 10.85 5.13
C ASP A 179 13.11 12.31 4.69
N ASN A 180 13.16 12.58 3.37
CA ASN A 180 13.23 13.95 2.88
C ASN A 180 11.94 14.72 3.19
N SER A 181 12.17 16.01 3.48
CA SER A 181 11.23 17.01 4.05
C SER A 181 10.37 16.55 5.27
#